data_8Z3F
#
_entry.id   8Z3F
#
_cell.length_a   109.177
_cell.length_b   36.225
_cell.length_c   63.496
_cell.angle_alpha   90.000
_cell.angle_beta   98.869
_cell.angle_gamma   90.000
#
_symmetry.space_group_name_H-M   'C 1 2 1'
#
loop_
_entity.id
_entity.type
_entity.pdbx_description
1 polymer 'Calcium and integrin-binding family member 2'
2 polymer 'Transmembrane channel-like protein 1'
3 non-polymer 'CALCIUM ION'
4 water water
#
loop_
_entity_poly.entity_id
_entity_poly.type
_entity_poly.pdbx_seq_one_letter_code
_entity_poly.pdbx_strand_id
1 'polypeptide(L)'
;GPGSMGNKQTIFTEEQLDNYQDCTFFNKKDILKLHARFYELAPNLVPMDYRKSPIVHVPMSLIIQMPELRENPFKERIVE
AFSEDGEGNLTFNDFVDMFSVLCESAPRELKANYAFKIYDFNTDNFICKEDLEMTLARLTKSELNEDEVVLVCDKVIEEA
DLDGDGKLGFADFEDMIAKAPDFLSTFHIRI
;
A
2 'polypeptide(L)' GPGSEELERLKALLDENRQMIATVKCKPWKMEKKIEVLKEAKKFVSENEGALGK B
#
# COMPACT_ATOMS: atom_id res chain seq x y z
N GLN A 9 -24.18 3.10 14.14
CA GLN A 9 -22.81 3.50 13.81
C GLN A 9 -22.75 4.98 13.56
N THR A 10 -22.02 5.69 14.40
CA THR A 10 -21.92 7.14 14.26
C THR A 10 -20.47 7.58 14.22
N ILE A 11 -19.60 6.68 13.79
CA ILE A 11 -18.18 6.98 13.71
C ILE A 11 -17.89 7.77 12.45
N PHE A 12 -18.57 7.44 11.36
CA PHE A 12 -18.41 8.08 10.07
C PHE A 12 -19.78 8.48 9.52
N THR A 13 -19.77 9.52 8.67
CA THR A 13 -20.95 9.86 7.90
C THR A 13 -21.09 8.87 6.75
N GLU A 14 -22.29 8.82 6.18
CA GLU A 14 -22.50 7.91 5.04
C GLU A 14 -21.66 8.32 3.86
N GLU A 15 -21.43 9.62 3.68
CA GLU A 15 -20.59 10.11 2.59
C GLU A 15 -19.14 9.73 2.81
N GLN A 16 -18.68 9.74 4.06
CA GLN A 16 -17.32 9.31 4.35
C GLN A 16 -17.12 7.85 3.97
N LEU A 17 -18.06 6.99 4.39
CA LEU A 17 -17.94 5.57 4.09
C LEU A 17 -18.07 5.30 2.59
N ASP A 18 -18.94 6.04 1.91
CA ASP A 18 -19.00 5.94 0.45
C ASP A 18 -17.65 6.25 -0.17
N ASN A 19 -17.02 7.34 0.27
CA ASN A 19 -15.72 7.72 -0.29
C ASN A 19 -14.65 6.69 0.01
N TYR A 20 -14.60 6.20 1.25
CA TYR A 20 -13.61 5.18 1.60
C TYR A 20 -13.79 3.93 0.74
N GLN A 21 -15.02 3.48 0.58
CA GLN A 21 -15.25 2.28 -0.23
C GLN A 21 -14.91 2.50 -1.69
N ASP A 22 -15.12 3.71 -2.20
CA ASP A 22 -14.81 4.01 -3.58
C ASP A 22 -13.34 4.24 -3.83
N CYS A 23 -12.57 4.59 -2.80
CA CYS A 23 -11.15 4.92 -2.96
C CYS A 23 -10.20 3.83 -2.47
N THR A 24 -10.72 2.70 -2.02
CA THR A 24 -9.90 1.60 -1.52
C THR A 24 -10.51 0.29 -1.98
N PHE A 25 -9.88 -0.82 -1.61
CA PHE A 25 -10.44 -2.14 -1.86
C PHE A 25 -11.25 -2.68 -0.70
N PHE A 26 -11.65 -1.83 0.22
CA PHE A 26 -12.39 -2.24 1.41
C PHE A 26 -13.87 -1.92 1.26
N ASN A 27 -14.71 -2.71 1.91
CA ASN A 27 -16.10 -2.34 2.03
C ASN A 27 -16.30 -1.52 3.31
N LYS A 28 -17.52 -0.99 3.49
CA LYS A 28 -17.75 -0.06 4.61
C LYS A 28 -17.54 -0.76 5.93
N LYS A 29 -17.82 -2.04 5.94
CA LYS A 29 -17.76 -2.85 7.14
C LYS A 29 -16.30 -3.01 7.53
N ASP A 30 -15.44 -3.23 6.51
CA ASP A 30 -13.98 -3.26 6.68
C ASP A 30 -13.44 -1.95 7.23
N ILE A 31 -13.97 -0.82 6.73
CA ILE A 31 -13.47 0.49 7.18
C ILE A 31 -13.74 0.64 8.67
N LEU A 32 -14.91 0.22 9.13
CA LEU A 32 -15.21 0.32 10.55
C LEU A 32 -14.30 -0.58 11.39
N LYS A 33 -13.99 -1.77 10.87
CA LYS A 33 -13.02 -2.66 11.52
C LYS A 33 -11.64 -2.02 11.58
N LEU A 34 -11.22 -1.34 10.51
CA LEU A 34 -9.91 -0.69 10.52
C LEU A 34 -9.87 0.45 11.52
N HIS A 35 -10.95 1.21 11.64
CA HIS A 35 -11.00 2.26 12.64
C HIS A 35 -10.86 1.68 14.04
N ALA A 36 -11.53 0.55 14.32
CA ALA A 36 -11.38 -0.07 15.63
C ALA A 36 -9.93 -0.48 15.89
N ARG A 37 -9.26 -1.06 14.89
CA ARG A 37 -7.87 -1.44 15.08
C ARG A 37 -7.00 -0.21 15.29
N PHE A 38 -7.23 0.85 14.52
CA PHE A 38 -6.48 2.10 14.67
C PHE A 38 -6.69 2.68 16.06
N TYR A 39 -7.95 2.76 16.48
CA TYR A 39 -8.30 3.29 17.79
C TYR A 39 -7.62 2.48 18.90
N GLU A 40 -7.60 1.15 18.77
CA GLU A 40 -7.01 0.36 19.85
C GLU A 40 -5.50 0.55 19.99
N LEU A 41 -4.81 0.99 18.94
CA LEU A 41 -3.39 1.31 19.05
C LEU A 41 -3.13 2.42 20.06
N ALA A 42 -4.02 3.43 20.12
CA ALA A 42 -3.83 4.58 20.98
C ALA A 42 -5.15 5.29 21.25
N PRO A 43 -5.97 4.75 22.14
CA PRO A 43 -7.29 5.37 22.41
C PRO A 43 -7.22 6.82 22.87
N ASN A 44 -6.13 7.24 23.52
CA ASN A 44 -6.01 8.63 23.92
C ASN A 44 -5.69 9.56 22.75
N LEU A 45 -5.28 9.01 21.61
CA LEU A 45 -4.94 9.82 20.47
C LEU A 45 -6.05 9.81 19.42
N VAL A 46 -6.71 8.68 19.25
CA VAL A 46 -7.62 8.43 18.13
C VAL A 46 -9.04 8.74 18.58
N PRO A 47 -9.76 9.63 17.90
CA PRO A 47 -11.16 9.87 18.24
C PRO A 47 -12.03 8.67 17.91
N MET A 48 -13.04 8.43 18.74
CA MET A 48 -14.04 7.45 18.34
C MET A 48 -14.97 8.02 17.28
N ASP A 49 -15.15 9.33 17.26
CA ASP A 49 -16.02 10.02 16.31
C ASP A 49 -15.18 10.71 15.24
N TYR A 50 -15.23 10.18 14.00
CA TYR A 50 -14.51 10.73 12.86
C TYR A 50 -15.37 11.60 11.94
N ARG A 51 -16.60 11.93 12.34
CA ARG A 51 -17.51 12.57 11.39
C ARG A 51 -17.08 13.96 10.97
N LYS A 52 -16.28 14.65 11.77
CA LYS A 52 -15.77 15.96 11.39
C LYS A 52 -14.37 15.88 10.80
N SER A 53 -13.92 14.69 10.43
CA SER A 53 -12.58 14.47 9.87
C SER A 53 -11.47 15.04 10.75
N PRO A 54 -11.33 14.55 11.98
CA PRO A 54 -10.20 15.00 12.80
C PRO A 54 -8.89 14.57 12.18
N ILE A 55 -7.82 15.28 12.50
CA ILE A 55 -6.49 14.99 12.00
C ILE A 55 -5.64 14.52 13.19
N VAL A 56 -5.30 13.23 13.19
CA VAL A 56 -4.51 12.67 14.28
C VAL A 56 -3.49 11.71 13.68
N HIS A 57 -2.33 11.62 14.34
CA HIS A 57 -1.26 10.71 13.92
C HIS A 57 -0.99 9.70 15.02
N VAL A 58 -0.85 8.44 14.65
CA VAL A 58 -0.44 7.36 15.56
C VAL A 58 1.00 7.01 15.23
N PRO A 59 1.91 6.94 16.21
CA PRO A 59 3.33 6.76 15.91
C PRO A 59 3.63 5.43 15.24
N MET A 60 4.63 5.45 14.36
CA MET A 60 5.11 4.23 13.73
C MET A 60 5.42 3.15 14.75
N SER A 61 6.00 3.54 15.89
CA SER A 61 6.46 2.57 16.88
C SER A 61 5.31 1.70 17.39
N LEU A 62 4.09 2.23 17.39
CA LEU A 62 2.91 1.48 17.77
C LEU A 62 2.38 0.65 16.61
N ILE A 63 2.34 1.23 15.41
CA ILE A 63 1.81 0.52 14.24
C ILE A 63 2.61 -0.75 13.94
N ILE A 64 3.94 -0.68 14.04
CA ILE A 64 4.76 -1.83 13.63
C ILE A 64 4.70 -2.94 14.66
N GLN A 65 4.01 -2.71 15.78
CA GLN A 65 3.76 -3.79 16.73
C GLN A 65 2.52 -4.62 16.39
N MET A 66 1.68 -4.18 15.45
CA MET A 66 0.55 -5.02 15.10
C MET A 66 1.02 -6.39 14.63
N PRO A 67 0.30 -7.46 14.98
CA PRO A 67 0.75 -8.80 14.59
C PRO A 67 0.88 -8.97 13.08
N GLU A 68 0.09 -8.21 12.30
CA GLU A 68 0.12 -8.30 10.86
C GLU A 68 1.40 -7.73 10.26
N LEU A 69 2.13 -6.88 10.99
CA LEU A 69 3.31 -6.21 10.47
C LEU A 69 4.60 -6.59 11.20
N ARG A 70 4.52 -7.03 12.45
CA ARG A 70 5.71 -7.01 13.29
C ARG A 70 6.79 -7.99 12.85
N GLU A 71 6.44 -9.00 12.08
CA GLU A 71 7.42 -9.94 11.55
C GLU A 71 7.89 -9.60 10.14
N ASN A 72 7.32 -8.57 9.54
CA ASN A 72 7.66 -8.20 8.17
C ASN A 72 9.02 -7.52 8.13
N PRO A 73 9.98 -8.02 7.35
CA PRO A 73 11.33 -7.42 7.38
C PRO A 73 11.38 -6.03 6.80
N PHE A 74 10.31 -5.51 6.21
CA PHE A 74 10.28 -4.13 5.71
C PHE A 74 9.23 -3.28 6.44
N LYS A 75 8.83 -3.68 7.65
CA LYS A 75 7.68 -3.04 8.30
C LYS A 75 7.90 -1.55 8.46
N GLU A 76 9.09 -1.12 8.85
CA GLU A 76 9.32 0.32 9.03
C GLU A 76 9.23 1.06 7.71
N ARG A 77 9.91 0.55 6.67
CA ARG A 77 9.89 1.26 5.39
C ARG A 77 8.52 1.23 4.74
N ILE A 78 7.74 0.17 4.97
CA ILE A 78 6.36 0.13 4.46
C ILE A 78 5.52 1.20 5.14
N VAL A 79 5.57 1.25 6.47
CA VAL A 79 4.77 2.25 7.18
C VAL A 79 5.24 3.66 6.82
N GLU A 80 6.56 3.87 6.73
CA GLU A 80 7.07 5.20 6.39
C GLU A 80 6.60 5.64 5.00
N ALA A 81 6.47 4.69 4.07
CA ALA A 81 6.06 5.04 2.71
C ALA A 81 4.67 5.66 2.63
N PHE A 82 3.82 5.45 3.63
CA PHE A 82 2.47 6.02 3.62
C PHE A 82 2.36 7.26 4.49
N SER A 83 3.48 7.78 4.98
CA SER A 83 3.50 8.99 5.81
C SER A 83 4.05 10.17 5.01
N GLU A 84 3.61 11.38 5.38
CA GLU A 84 4.03 12.58 4.66
C GLU A 84 5.54 12.82 4.81
N ASP A 85 6.08 12.64 6.01
CA ASP A 85 7.47 13.02 6.26
C ASP A 85 8.41 11.83 6.32
N GLY A 86 7.95 10.65 5.92
CA GLY A 86 8.80 9.48 5.96
C GLY A 86 9.09 8.94 7.34
N GLU A 87 8.40 9.43 8.38
CA GLU A 87 8.61 8.96 9.74
C GLU A 87 7.58 7.94 10.19
N GLY A 88 6.53 7.73 9.39
CA GLY A 88 5.59 6.64 9.64
C GLY A 88 4.55 6.88 10.71
N ASN A 89 4.31 8.13 11.12
CA ASN A 89 3.27 8.47 12.09
C ASN A 89 1.98 8.73 11.32
N LEU A 90 1.17 7.70 11.18
CA LEU A 90 0.11 7.67 10.17
C LEU A 90 -1.16 8.30 10.68
N THR A 91 -1.86 9.03 9.79
CA THR A 91 -3.26 9.34 10.01
C THR A 91 -4.10 8.10 9.69
N PHE A 92 -5.38 8.12 10.07
CA PHE A 92 -6.26 7.01 9.70
C PHE A 92 -6.29 6.84 8.19
N ASN A 93 -6.37 7.95 7.45
CA ASN A 93 -6.37 7.86 5.99
C ASN A 93 -5.12 7.16 5.47
N ASP A 94 -3.95 7.52 6.01
CA ASP A 94 -2.71 6.83 5.64
C ASP A 94 -2.78 5.34 5.95
N PHE A 95 -3.32 5.02 7.13
CA PHE A 95 -3.42 3.64 7.63
C PHE A 95 -4.30 2.82 6.70
N VAL A 96 -5.43 3.39 6.30
CA VAL A 96 -6.32 2.75 5.35
C VAL A 96 -5.64 2.59 3.98
N ASP A 97 -5.01 3.66 3.48
CA ASP A 97 -4.28 3.57 2.22
C ASP A 97 -3.29 2.40 2.24
N MET A 98 -2.54 2.28 3.35
CA MET A 98 -1.51 1.26 3.39
C MET A 98 -2.10 -0.14 3.40
N PHE A 99 -3.13 -0.38 4.18
CA PHE A 99 -3.66 -1.74 4.15
C PHE A 99 -4.44 -2.02 2.87
N SER A 100 -4.93 -0.99 2.19
CA SER A 100 -5.55 -1.24 0.89
C SER A 100 -4.51 -1.70 -0.13
N VAL A 101 -3.34 -1.07 -0.17
CA VAL A 101 -2.27 -1.54 -1.06
C VAL A 101 -1.85 -2.97 -0.69
N LEU A 102 -1.84 -3.28 0.61
CA LEU A 102 -1.36 -4.58 1.06
C LEU A 102 -2.38 -5.71 0.91
N CYS A 103 -3.63 -5.40 0.63
CA CYS A 103 -4.65 -6.43 0.71
C CYS A 103 -4.63 -7.35 -0.51
N GLU A 104 -5.39 -8.45 -0.40
CA GLU A 104 -5.45 -9.47 -1.44
C GLU A 104 -5.98 -8.96 -2.76
N SER A 105 -6.91 -8.01 -2.73
CA SER A 105 -7.56 -7.49 -3.92
C SER A 105 -6.71 -6.50 -4.69
N ALA A 106 -5.64 -5.96 -4.09
CA ALA A 106 -4.89 -4.92 -4.76
C ALA A 106 -4.08 -5.51 -5.91
N PRO A 107 -4.02 -4.82 -7.04
CA PRO A 107 -3.31 -5.38 -8.19
C PRO A 107 -1.81 -5.36 -8.00
N ARG A 108 -1.15 -6.31 -8.65
CA ARG A 108 0.30 -6.43 -8.59
C ARG A 108 0.99 -5.10 -8.90
N GLU A 109 0.50 -4.36 -9.89
CA GLU A 109 1.18 -3.14 -10.30
C GLU A 109 1.10 -2.04 -9.24
N LEU A 110 0.04 -2.05 -8.42
CA LEU A 110 -0.03 -1.09 -7.31
C LEU A 110 0.98 -1.45 -6.23
N LYS A 111 1.06 -2.74 -5.88
CA LYS A 111 2.07 -3.18 -4.93
C LYS A 111 3.46 -2.87 -5.44
N ALA A 112 3.70 -3.12 -6.73
CA ALA A 112 5.01 -2.88 -7.34
C ALA A 112 5.41 -1.43 -7.25
N ASN A 113 4.45 -0.52 -7.38
CA ASN A 113 4.76 0.90 -7.32
C ASN A 113 5.39 1.25 -5.99
N TYR A 114 4.81 0.76 -4.89
CA TYR A 114 5.37 1.04 -3.57
C TYR A 114 6.64 0.24 -3.32
N ALA A 115 6.67 -1.03 -3.77
CA ALA A 115 7.84 -1.87 -3.53
C ALA A 115 9.09 -1.28 -4.18
N PHE A 116 8.95 -0.70 -5.38
CA PHE A 116 10.11 -0.13 -6.06
C PHE A 116 10.77 0.95 -5.21
N LYS A 117 9.99 1.78 -4.57
CA LYS A 117 10.51 2.87 -3.75
C LYS A 117 11.06 2.30 -2.44
N ILE A 118 10.38 1.30 -1.85
CA ILE A 118 10.86 0.75 -0.59
C ILE A 118 12.16 -0.03 -0.80
N TYR A 119 12.34 -0.64 -1.96
CA TYR A 119 13.59 -1.34 -2.25
C TYR A 119 14.70 -0.43 -2.80
N ASP A 120 14.40 0.84 -3.10
CA ASP A 120 15.39 1.78 -3.65
C ASP A 120 16.11 2.44 -2.49
N PHE A 121 17.05 1.70 -1.89
CA PHE A 121 17.61 2.17 -0.63
C PHE A 121 18.43 3.46 -0.80
N ASN A 122 19.10 3.66 -1.94
CA ASN A 122 19.90 4.87 -2.11
C ASN A 122 19.14 5.97 -2.87
N THR A 123 17.82 5.83 -3.01
CA THR A 123 16.90 6.87 -3.49
C THR A 123 17.42 7.60 -4.73
N ASP A 124 17.64 6.83 -5.79
CA ASP A 124 18.02 7.41 -7.07
C ASP A 124 17.08 6.95 -8.18
N ASN A 125 16.02 6.23 -7.82
CA ASN A 125 14.87 5.94 -8.64
C ASN A 125 15.22 4.82 -9.64
N PHE A 126 16.24 4.03 -9.27
CA PHE A 126 16.61 2.77 -9.90
C PHE A 126 16.95 1.74 -8.82
N ILE A 127 16.90 0.45 -9.19
CA ILE A 127 17.37 -0.62 -8.31
C ILE A 127 18.72 -1.12 -8.85
N CYS A 128 19.79 -0.93 -8.06
CA CYS A 128 21.15 -1.36 -8.41
C CYS A 128 21.47 -2.62 -7.60
N LYS A 129 22.62 -3.24 -7.90
CA LYS A 129 23.13 -4.41 -7.14
C LYS A 129 23.03 -4.21 -5.61
N GLU A 130 23.50 -3.07 -5.13
CA GLU A 130 23.52 -2.82 -3.70
C GLU A 130 22.12 -2.67 -3.12
N ASP A 131 21.21 -1.99 -3.83
CA ASP A 131 19.81 -2.00 -3.39
C ASP A 131 19.28 -3.42 -3.32
N LEU A 132 19.62 -4.24 -4.30
CA LEU A 132 19.06 -5.58 -4.39
C LEU A 132 19.63 -6.48 -3.29
N GLU A 133 20.91 -6.29 -2.95
CA GLU A 133 21.49 -7.02 -1.83
C GLU A 133 20.81 -6.64 -0.51
N MET A 134 20.53 -5.35 -0.29
CA MET A 134 19.87 -5.00 0.95
C MET A 134 18.45 -5.53 0.99
N THR A 135 17.80 -5.57 -0.17
CA THR A 135 16.44 -6.12 -0.25
C THR A 135 16.44 -7.62 -0.01
N LEU A 136 17.30 -8.36 -0.72
CA LEU A 136 17.31 -9.82 -0.59
C LEU A 136 17.71 -10.26 0.81
N ALA A 137 18.67 -9.56 1.43
CA ALA A 137 19.09 -9.93 2.77
C ALA A 137 17.92 -9.85 3.74
N ARG A 138 17.06 -8.83 3.58
CA ARG A 138 15.90 -8.70 4.45
C ARG A 138 14.84 -9.73 4.09
N LEU A 139 14.64 -9.96 2.79
CA LEU A 139 13.60 -10.88 2.34
C LEU A 139 13.87 -12.30 2.83
N THR A 140 15.14 -12.70 2.89
CA THR A 140 15.46 -14.09 3.15
C THR A 140 15.65 -14.39 4.65
N LYS A 141 15.55 -13.38 5.51
CA LYS A 141 15.46 -13.55 6.97
C LYS A 141 16.53 -14.50 7.51
N SER A 142 17.78 -14.05 7.38
CA SER A 142 18.93 -14.74 7.97
C SER A 142 19.17 -16.13 7.36
N GLU A 143 18.34 -16.54 6.40
CA GLU A 143 18.60 -17.80 5.71
C GLU A 143 19.87 -17.74 4.87
N LEU A 144 20.24 -16.55 4.40
CA LEU A 144 21.38 -16.34 3.53
C LEU A 144 22.34 -15.38 4.21
N ASN A 145 23.63 -15.71 4.21
CA ASN A 145 24.60 -14.78 4.74
C ASN A 145 24.99 -13.75 3.67
N GLU A 146 25.93 -12.88 4.06
CA GLU A 146 26.28 -11.72 3.24
C GLU A 146 26.73 -12.12 1.84
N ASP A 147 27.62 -13.10 1.74
CA ASP A 147 28.16 -13.46 0.43
C ASP A 147 27.20 -14.30 -0.37
N GLU A 148 26.34 -15.07 0.29
CA GLU A 148 25.30 -15.80 -0.41
C GLU A 148 24.33 -14.84 -1.08
N VAL A 149 24.02 -13.73 -0.41
CA VAL A 149 23.20 -12.68 -1.02
C VAL A 149 23.91 -12.08 -2.23
N VAL A 150 25.22 -11.81 -2.10
CA VAL A 150 25.98 -11.29 -3.24
C VAL A 150 25.89 -12.25 -4.41
N LEU A 151 26.10 -13.54 -4.14
CA LEU A 151 26.04 -14.55 -5.20
C LEU A 151 24.73 -14.46 -5.97
N VAL A 152 23.61 -14.33 -5.25
CA VAL A 152 22.30 -14.29 -5.90
C VAL A 152 22.14 -13.00 -6.69
N CYS A 153 22.43 -11.86 -6.05
CA CYS A 153 22.19 -10.57 -6.70
C CYS A 153 23.10 -10.37 -7.90
N ASP A 154 24.33 -10.90 -7.88
CA ASP A 154 25.16 -10.88 -9.07
C ASP A 154 24.40 -11.43 -10.29
N LYS A 155 23.72 -12.55 -10.12
CA LYS A 155 23.12 -13.12 -11.33
C LYS A 155 21.81 -12.42 -11.66
N VAL A 156 21.04 -12.03 -10.63
CA VAL A 156 19.76 -11.37 -10.89
C VAL A 156 19.96 -10.06 -11.63
N ILE A 157 20.97 -9.27 -11.26
CA ILE A 157 21.02 -7.91 -11.76
C ILE A 157 21.31 -7.89 -13.26
N GLU A 158 22.09 -8.85 -13.76
CA GLU A 158 22.37 -8.88 -15.19
C GLU A 158 21.18 -9.43 -15.96
N GLU A 159 20.67 -10.59 -15.57
CA GLU A 159 19.46 -11.17 -16.16
C GLU A 159 18.31 -10.19 -16.25
N ALA A 160 18.10 -9.41 -15.20
CA ALA A 160 16.91 -8.57 -15.13
C ALA A 160 17.09 -7.22 -15.81
N ASP A 161 18.34 -6.81 -16.07
CA ASP A 161 18.64 -5.50 -16.64
C ASP A 161 18.50 -5.59 -18.15
N LEU A 162 17.26 -5.42 -18.62
CA LEU A 162 16.96 -5.63 -20.03
C LEU A 162 17.57 -4.56 -20.91
N ASP A 163 17.53 -3.31 -20.44
CA ASP A 163 17.86 -2.16 -21.27
C ASP A 163 19.37 -2.11 -21.51
N GLY A 164 20.15 -2.39 -20.48
CA GLY A 164 21.59 -2.48 -20.58
C GLY A 164 22.41 -1.44 -19.81
N ASP A 165 21.87 -0.82 -18.76
CA ASP A 165 22.56 0.26 -18.06
C ASP A 165 23.11 -0.14 -16.69
N GLY A 166 23.10 -1.42 -16.35
CA GLY A 166 23.62 -1.85 -15.06
C GLY A 166 22.71 -1.66 -13.87
N LYS A 167 21.50 -1.14 -14.09
CA LYS A 167 20.56 -0.85 -13.02
C LYS A 167 19.16 -1.17 -13.54
N LEU A 168 18.23 -1.35 -12.60
CA LEU A 168 16.85 -1.73 -12.94
C LEU A 168 15.94 -0.52 -12.81
N GLY A 169 15.35 -0.08 -13.93
CA GLY A 169 14.30 0.90 -13.90
C GLY A 169 13.00 0.25 -13.46
N PHE A 170 11.94 1.07 -13.34
CA PHE A 170 10.68 0.51 -12.86
C PHE A 170 10.13 -0.54 -13.82
N ALA A 171 10.30 -0.35 -15.13
CA ALA A 171 9.84 -1.36 -16.07
C ALA A 171 10.61 -2.67 -15.89
N ASP A 172 11.93 -2.60 -15.77
CA ASP A 172 12.69 -3.81 -15.49
C ASP A 172 12.19 -4.50 -14.23
N PHE A 173 11.94 -3.71 -13.18
CA PHE A 173 11.51 -4.25 -11.89
C PHE A 173 10.15 -4.94 -12.00
N GLU A 174 9.20 -4.32 -12.71
CA GLU A 174 7.89 -4.95 -12.88
C GLU A 174 8.00 -6.26 -13.66
N ASP A 175 8.84 -6.29 -14.70
CA ASP A 175 9.05 -7.54 -15.42
C ASP A 175 9.72 -8.59 -14.54
N MET A 176 10.72 -8.19 -13.74
CA MET A 176 11.30 -9.08 -12.73
C MET A 176 10.26 -9.73 -11.84
N ILE A 177 9.46 -8.90 -11.15
CA ILE A 177 8.56 -9.44 -10.14
C ILE A 177 7.44 -10.26 -10.77
N ALA A 178 7.13 -10.03 -12.04
CA ALA A 178 6.15 -10.90 -12.70
C ALA A 178 6.67 -12.33 -12.80
N LYS A 179 7.97 -12.48 -13.01
CA LYS A 179 8.60 -13.79 -13.09
C LYS A 179 9.00 -14.33 -11.73
N ALA A 180 9.28 -13.45 -10.76
CA ALA A 180 9.74 -13.87 -9.44
C ALA A 180 8.84 -13.19 -8.42
N PRO A 181 7.61 -13.68 -8.24
CA PRO A 181 6.64 -12.98 -7.38
C PRO A 181 7.04 -12.95 -5.93
N ASP A 182 8.02 -13.74 -5.50
CA ASP A 182 8.42 -13.71 -4.10
CA ASP A 182 8.39 -13.70 -4.09
C ASP A 182 9.01 -12.35 -3.71
N PHE A 183 9.43 -11.54 -4.69
CA PHE A 183 9.87 -10.18 -4.36
C PHE A 183 8.73 -9.31 -3.83
N LEU A 184 7.47 -9.70 -4.08
CA LEU A 184 6.34 -8.94 -3.56
C LEU A 184 5.65 -9.62 -2.39
N SER A 185 6.21 -10.72 -1.87
CA SER A 185 5.56 -11.43 -0.77
C SER A 185 5.40 -10.53 0.44
N THR A 186 6.35 -9.63 0.68
CA THR A 186 6.22 -8.72 1.81
C THR A 186 5.14 -7.67 1.62
N PHE A 187 4.49 -7.60 0.46
CA PHE A 187 3.42 -6.64 0.22
C PHE A 187 2.05 -7.31 0.16
N HIS A 188 1.94 -8.51 0.70
CA HIS A 188 0.66 -9.21 0.84
C HIS A 188 0.41 -9.38 2.33
N ILE A 189 -0.41 -8.51 2.91
CA ILE A 189 -0.70 -8.53 4.33
C ILE A 189 -2.21 -8.41 4.49
N ARG A 190 -2.84 -9.45 5.03
CA ARG A 190 -4.25 -9.37 5.36
C ARG A 190 -4.44 -8.76 6.74
N ILE A 191 -5.53 -8.02 6.88
CA ILE A 191 -5.90 -7.42 8.15
C ILE A 191 -7.34 -7.82 8.43
N GLY B 1 -31.18 -1.65 1.06
CA GLY B 1 -30.75 -2.71 1.97
C GLY B 1 -29.42 -3.33 1.59
N PRO B 2 -29.16 -4.54 2.09
CA PRO B 2 -27.88 -5.20 1.77
C PRO B 2 -27.69 -5.47 0.28
N GLY B 3 -28.77 -5.77 -0.45
CA GLY B 3 -28.63 -5.95 -1.89
C GLY B 3 -28.31 -4.65 -2.61
N SER B 4 -28.99 -3.57 -2.24
CA SER B 4 -28.74 -2.27 -2.87
C SER B 4 -27.32 -1.79 -2.60
N GLU B 5 -26.80 -2.06 -1.39
CA GLU B 5 -25.41 -1.74 -1.10
C GLU B 5 -24.48 -2.43 -2.09
N GLU B 6 -24.57 -3.76 -2.17
CA GLU B 6 -23.73 -4.51 -3.09
C GLU B 6 -23.92 -4.05 -4.53
N LEU B 7 -25.15 -3.66 -4.90
CA LEU B 7 -25.43 -3.36 -6.29
C LEU B 7 -24.72 -2.11 -6.78
N GLU B 8 -24.96 -0.96 -6.14
CA GLU B 8 -24.29 0.23 -6.62
C GLU B 8 -22.78 0.09 -6.55
N ARG B 9 -22.27 -0.68 -5.59
CA ARG B 9 -20.83 -0.94 -5.51
C ARG B 9 -20.33 -1.67 -6.76
N LEU B 10 -20.87 -2.88 -7.00
CA LEU B 10 -20.44 -3.65 -8.15
C LEU B 10 -20.70 -2.91 -9.46
N LYS B 11 -21.84 -2.22 -9.56
CA LYS B 11 -22.14 -1.47 -10.77
C LYS B 11 -21.11 -0.37 -11.00
N ALA B 12 -20.61 0.24 -9.92
CA ALA B 12 -19.57 1.26 -10.05
C ALA B 12 -18.34 0.70 -10.74
N LEU B 13 -17.89 -0.47 -10.28
CA LEU B 13 -16.65 -1.05 -10.80
C LEU B 13 -16.79 -1.49 -12.25
N LEU B 14 -17.99 -1.89 -12.68
CA LEU B 14 -18.14 -2.54 -13.98
C LEU B 14 -18.60 -1.61 -15.11
N ASP B 15 -18.89 -0.35 -14.81
CA ASP B 15 -19.31 0.61 -15.83
C ASP B 15 -18.14 0.93 -16.76
N GLU B 16 -18.27 0.52 -18.03
CA GLU B 16 -17.16 0.67 -18.98
C GLU B 16 -16.92 2.12 -19.39
N ASN B 17 -17.88 3.02 -19.13
CA ASN B 17 -17.72 4.42 -19.48
C ASN B 17 -17.26 5.28 -18.31
N ARG B 18 -17.14 4.71 -17.11
CA ARG B 18 -16.75 5.42 -15.91
C ARG B 18 -15.60 4.71 -15.23
N GLN B 19 -14.58 4.35 -16.00
CA GLN B 19 -13.49 3.58 -15.42
C GLN B 19 -12.47 4.48 -14.72
N MET B 20 -12.36 5.76 -15.09
CA MET B 20 -11.55 6.67 -14.29
C MET B 20 -12.01 6.62 -12.84
N ILE B 21 -13.32 6.77 -12.63
CA ILE B 21 -13.87 6.71 -11.28
C ILE B 21 -13.63 5.34 -10.66
N ALA B 22 -13.72 4.30 -11.47
CA ALA B 22 -13.58 2.95 -10.95
C ALA B 22 -12.15 2.61 -10.57
N THR B 23 -11.15 3.30 -11.10
CA THR B 23 -9.75 2.90 -10.90
C THR B 23 -8.90 3.89 -10.08
N VAL B 24 -9.50 4.89 -9.42
CA VAL B 24 -8.68 5.67 -8.50
C VAL B 24 -8.10 4.78 -7.41
N LYS B 25 -8.83 3.73 -7.02
CA LYS B 25 -8.34 2.88 -5.95
C LYS B 25 -7.12 2.07 -6.37
N CYS B 26 -6.84 1.98 -7.68
CA CYS B 26 -5.68 1.27 -8.18
C CYS B 26 -4.45 2.16 -8.29
N LYS B 27 -4.56 3.47 -8.00
CA LYS B 27 -3.45 4.41 -8.17
C LYS B 27 -2.64 4.55 -6.88
N PRO B 28 -1.33 4.76 -7.00
CA PRO B 28 -0.48 5.02 -5.82
C PRO B 28 -0.61 6.46 -5.35
N TRP B 29 -1.83 6.83 -4.99
CA TRP B 29 -2.21 8.18 -4.61
C TRP B 29 -2.69 8.17 -3.18
N LYS B 30 -2.52 9.31 -2.49
CA LYS B 30 -3.01 9.43 -1.13
C LYS B 30 -4.51 9.61 -1.14
N MET B 31 -5.13 9.24 -0.01
CA MET B 31 -6.58 9.24 0.08
C MET B 31 -7.15 10.58 -0.34
N GLU B 32 -6.56 11.67 0.15
CA GLU B 32 -7.10 12.99 -0.14
C GLU B 32 -7.15 13.25 -1.64
N LYS B 33 -6.08 12.87 -2.36
CA LYS B 33 -6.05 13.04 -3.81
C LYS B 33 -7.10 12.16 -4.49
N LYS B 34 -7.24 10.91 -4.04
CA LYS B 34 -8.24 10.02 -4.62
C LYS B 34 -9.64 10.62 -4.47
N ILE B 35 -9.94 11.18 -3.28
CA ILE B 35 -11.25 11.76 -3.04
C ILE B 35 -11.50 12.99 -3.91
N GLU B 36 -10.50 13.88 -4.01
CA GLU B 36 -10.67 15.06 -4.87
C GLU B 36 -10.83 14.66 -6.33
N VAL B 37 -10.12 13.62 -6.79
CA VAL B 37 -10.27 13.17 -8.17
C VAL B 37 -11.66 12.61 -8.42
N LEU B 38 -12.19 11.77 -7.50
CA LEU B 38 -13.54 11.26 -7.71
C LEU B 38 -14.58 12.35 -7.69
N LYS B 39 -14.44 13.34 -6.80
CA LYS B 39 -15.40 14.43 -6.79
C LYS B 39 -15.43 15.12 -8.16
N GLU B 40 -14.24 15.40 -8.71
CA GLU B 40 -14.16 16.10 -9.98
C GLU B 40 -14.70 15.26 -11.14
N ALA B 41 -14.34 13.98 -11.19
CA ALA B 41 -14.81 13.13 -12.26
C ALA B 41 -16.32 12.99 -12.24
N LYS B 42 -16.91 12.89 -11.05
CA LYS B 42 -18.36 12.72 -10.94
C LYS B 42 -19.13 13.93 -11.43
N LYS B 43 -18.51 15.11 -11.42
CA LYS B 43 -19.17 16.31 -11.94
C LYS B 43 -19.38 16.22 -13.45
N PHE B 44 -18.39 15.66 -14.16
CA PHE B 44 -18.32 15.80 -15.60
C PHE B 44 -18.70 14.51 -16.32
N VAL B 45 -19.39 13.62 -15.64
CA VAL B 45 -20.04 12.47 -16.26
C VAL B 45 -21.55 12.60 -16.05
#